data_6F03
#
_entry.id   6F03
#
_cell.length_a   49.955
_cell.length_b   52.731
_cell.length_c   136.122
_cell.angle_alpha   90.00
_cell.angle_beta   93.84
_cell.angle_gamma   90.00
#
_symmetry.space_group_name_H-M   'P 1 21 1'
#
loop_
_entity.id
_entity.type
_entity.pdbx_description
1 polymer BPSL2520
2 non-polymer 'CALCIUM ION'
3 non-polymer 'ACETATE ION'
4 non-polymer GLYCEROL
5 water water
#
_entity_poly.entity_id   1
_entity_poly.type   'polypeptide(L)'
_entity_poly.pdbx_seq_one_letter_code
;(MSE)GSSHHHHHHSSGLVPRGSH(MSE)AQSLSNQTSAPAAAAPIDADKKAAIKDLLDAIDAPKLVSAIANSAE(MSE)
QSKQLVPAILSDALSENKTLNDKQKQAAVPTLQKNAVPKLVDGAGKVFGTQQFTNDA(MSE)QAQYDAYAKYYSTSEIKD
LTTFYKSPTGRKFIQVQDQVGRDVVNGL(MSE)QKY(MSE)PQAIKATRDQADKEVAAVKPGK
;
_entity_poly.pdbx_strand_id   A,B,C,D
#
# COMPACT_ATOMS: atom_id res chain seq x y z
N PRO A 37 -17.11 24.80 -0.58
CA PRO A 37 -16.14 25.08 0.48
C PRO A 37 -15.60 23.80 1.12
N ILE A 38 -14.27 23.66 1.12
CA ILE A 38 -13.59 22.47 1.58
C ILE A 38 -13.18 22.66 3.04
N ASP A 39 -13.56 21.72 3.90
CA ASP A 39 -13.13 21.81 5.31
C ASP A 39 -11.60 21.71 5.39
N ALA A 40 -11.07 22.20 6.52
CA ALA A 40 -9.63 22.40 6.63
C ALA A 40 -8.86 21.09 6.54
N ASP A 41 -9.36 20.03 7.18
CA ASP A 41 -8.62 18.77 7.18
C ASP A 41 -8.57 18.15 5.79
N LYS A 42 -9.65 18.26 5.02
CA LYS A 42 -9.63 17.79 3.64
C LYS A 42 -8.74 18.67 2.77
N LYS A 43 -8.77 19.98 2.98
CA LYS A 43 -7.92 20.87 2.23
C LYS A 43 -6.45 20.53 2.45
N ALA A 44 -6.05 20.30 3.71
CA ALA A 44 -4.65 19.99 3.98
C ALA A 44 -4.29 18.62 3.44
N ALA A 45 -5.22 17.66 3.49
CA ALA A 45 -4.91 16.36 2.90
C ALA A 45 -4.75 16.49 1.37
N ILE A 46 -5.56 17.33 0.72
CA ILE A 46 -5.43 17.51 -0.73
C ILE A 46 -4.11 18.18 -1.08
N LYS A 47 -3.70 19.18 -0.30
CA LYS A 47 -2.40 19.82 -0.52
C LYS A 47 -1.27 18.80 -0.54
N ASP A 48 -1.28 17.86 0.39
CA ASP A 48 -0.26 16.82 0.38
C ASP A 48 -0.40 15.90 -0.84
N LEU A 49 -1.63 15.59 -1.23
CA LEU A 49 -1.81 14.75 -2.40
C LEU A 49 -1.20 15.42 -3.64
N LEU A 50 -1.39 16.73 -3.78
CA LEU A 50 -0.98 17.42 -5.02
C LEU A 50 0.54 17.52 -5.08
N ASP A 51 1.18 17.70 -3.93
CA ASP A 51 2.64 17.63 -3.89
C ASP A 51 3.12 16.25 -4.32
N ALA A 52 2.45 15.19 -3.86
CA ALA A 52 2.87 13.82 -4.18
C ALA A 52 2.67 13.48 -5.66
N ILE A 53 1.71 14.09 -6.33
CA ILE A 53 1.52 13.83 -7.75
C ILE A 53 2.18 14.90 -8.61
N ASP A 54 2.92 15.83 -8.00
CA ASP A 54 3.55 16.93 -8.71
C ASP A 54 2.52 17.70 -9.52
N ALA A 55 1.47 18.16 -8.86
CA ALA A 55 0.39 18.83 -9.57
C ALA A 55 0.84 20.00 -10.46
N PRO A 56 1.86 20.80 -10.09
CA PRO A 56 2.27 21.91 -10.99
C PRO A 56 2.74 21.45 -12.36
N LYS A 57 3.35 20.27 -12.45
CA LYS A 57 3.75 19.71 -13.73
C LYS A 57 2.52 19.33 -14.57
N LEU A 58 1.45 18.86 -13.92
CA LEU A 58 0.19 18.61 -14.64
C LEU A 58 -0.44 19.91 -15.11
N VAL A 59 -0.47 20.94 -14.27
CA VAL A 59 -0.96 22.25 -14.69
C VAL A 59 -0.16 22.76 -15.90
N SER A 60 1.18 22.73 -15.81
CA SER A 60 2.03 23.19 -16.90
C SER A 60 1.76 22.45 -18.20
N ALA A 61 1.47 21.15 -18.14
CA ALA A 61 1.18 20.40 -19.36
C ALA A 61 -0.20 20.77 -19.94
N ILE A 62 -1.17 21.08 -19.07
CA ILE A 62 -2.47 21.56 -19.55
C ILE A 62 -2.33 22.91 -20.22
N ALA A 63 -1.54 23.81 -19.63
CA ALA A 63 -1.36 25.14 -20.20
C ALA A 63 -0.68 25.05 -21.57
N ASN A 64 0.35 24.20 -21.68
CA ASN A 64 1.07 24.08 -22.94
C ASN A 64 0.18 23.47 -24.02
N SER A 65 -0.61 22.46 -23.64
CA SER A 65 -1.58 21.87 -24.55
C SER A 65 -2.60 22.91 -25.04
N ALA A 66 -3.12 23.74 -24.13
CA ALA A 66 -4.07 24.75 -24.56
C ALA A 66 -3.40 25.78 -25.47
N GLU A 67 -2.19 26.20 -25.14
CA GLU A 67 -1.50 27.18 -25.98
C GLU A 67 -1.32 26.64 -27.40
N GLN A 69 -3.09 24.45 -28.92
CA GLN A 69 -4.40 24.43 -29.55
C GLN A 69 -4.83 25.81 -30.02
N SER A 70 -4.50 26.86 -29.23
CA SER A 70 -4.79 28.22 -29.67
C SER A 70 -4.04 28.57 -30.95
N LYS A 71 -2.75 28.21 -31.02
CA LYS A 71 -1.97 28.49 -32.22
C LYS A 71 -2.49 27.71 -33.42
N GLN A 72 -2.92 26.47 -33.22
CA GLN A 72 -3.40 25.67 -34.34
C GLN A 72 -4.76 26.13 -34.85
N LEU A 73 -5.50 26.92 -34.06
CA LEU A 73 -6.75 27.51 -34.49
C LEU A 73 -6.58 28.78 -35.29
N VAL A 74 -5.35 29.29 -35.47
CA VAL A 74 -5.16 30.62 -36.08
C VAL A 74 -5.65 30.67 -37.52
N PRO A 75 -5.35 29.70 -38.39
CA PRO A 75 -5.86 29.82 -39.77
C PRO A 75 -7.37 29.87 -39.83
N ALA A 76 -8.06 29.09 -38.99
CA ALA A 76 -9.52 29.10 -39.02
C ALA A 76 -10.06 30.43 -38.49
N ILE A 77 -9.40 31.02 -37.48
CA ILE A 77 -9.89 32.30 -36.96
C ILE A 77 -9.68 33.42 -37.98
N LEU A 78 -8.54 33.40 -38.68
CA LEU A 78 -8.28 34.41 -39.69
C LEU A 78 -9.24 34.30 -40.87
N SER A 79 -9.68 33.09 -41.21
CA SER A 79 -10.71 32.93 -42.25
C SER A 79 -12.05 33.49 -41.79
N ASP A 80 -12.42 33.27 -40.53
CA ASP A 80 -13.62 33.89 -39.99
C ASP A 80 -13.54 35.42 -40.15
N ALA A 81 -12.42 36.01 -39.73
CA ALA A 81 -12.29 37.48 -39.75
C ALA A 81 -12.29 38.02 -41.17
N LEU A 82 -11.64 37.32 -42.10
CA LEU A 82 -11.63 37.76 -43.49
C LEU A 82 -13.03 37.66 -44.07
N SER A 83 -13.69 36.56 -43.80
CA SER A 83 -15.03 36.37 -44.28
C SER A 83 -16.01 37.41 -43.74
N GLU A 84 -15.89 37.75 -42.47
CA GLU A 84 -16.80 38.73 -41.89
C GLU A 84 -16.47 40.19 -42.15
N ASN A 85 -15.29 40.48 -42.70
CA ASN A 85 -14.91 41.86 -42.96
C ASN A 85 -15.94 42.50 -43.87
N LYS A 86 -16.28 43.75 -43.61
CA LYS A 86 -17.32 44.40 -44.39
C LYS A 86 -16.80 45.54 -45.24
N THR A 87 -15.48 45.65 -45.39
CA THR A 87 -14.92 46.69 -46.24
C THR A 87 -14.40 46.15 -47.56
N LEU A 88 -13.87 44.93 -47.60
CA LEU A 88 -13.32 44.38 -48.82
C LEU A 88 -14.40 43.60 -49.57
N ASN A 89 -14.42 43.73 -50.89
CA ASN A 89 -15.32 42.89 -51.67
C ASN A 89 -14.66 41.52 -51.86
N ASP A 90 -15.41 40.57 -52.42
CA ASP A 90 -14.93 39.19 -52.38
C ASP A 90 -13.72 38.96 -53.28
N LYS A 91 -13.54 39.76 -54.35
CA LYS A 91 -12.31 39.62 -55.12
C LYS A 91 -11.12 40.19 -54.36
N GLN A 92 -11.32 41.28 -53.61
CA GLN A 92 -10.25 41.81 -52.78
C GLN A 92 -9.87 40.84 -51.68
N LYS A 93 -10.85 40.11 -51.14
CA LYS A 93 -10.58 39.13 -50.11
C LYS A 93 -9.72 38.00 -50.66
N GLN A 94 -10.04 37.51 -51.87
CA GLN A 94 -9.25 36.45 -52.47
C GLN A 94 -7.82 36.93 -52.75
N ALA A 95 -7.66 38.19 -53.16
CA ALA A 95 -6.34 38.71 -53.46
C ALA A 95 -5.55 38.98 -52.19
N ALA A 96 -6.21 39.11 -51.05
CA ALA A 96 -5.52 39.40 -49.81
C ALA A 96 -4.95 38.13 -49.18
N VAL A 97 -5.46 36.96 -49.56
CA VAL A 97 -5.04 35.71 -48.91
C VAL A 97 -3.53 35.49 -48.96
N PRO A 98 -2.84 35.71 -50.09
CA PRO A 98 -1.39 35.47 -50.09
C PRO A 98 -0.62 36.26 -49.03
N THR A 99 -0.91 37.55 -48.88
CA THR A 99 -0.16 38.33 -47.90
C THR A 99 -0.65 38.12 -46.47
N LEU A 100 -1.95 37.85 -46.28
CA LEU A 100 -2.42 37.38 -44.99
C LEU A 100 -1.74 36.07 -44.62
N GLN A 101 -1.69 35.14 -45.57
CA GLN A 101 -1.03 33.85 -45.36
C GLN A 101 0.41 34.04 -44.88
N LYS A 102 1.09 35.06 -45.42
CA LYS A 102 2.52 35.23 -45.20
C LYS A 102 2.87 36.10 -44.00
N ASN A 103 2.06 37.11 -43.69
CA ASN A 103 2.37 38.06 -42.62
C ASN A 103 1.47 37.91 -41.41
N ALA A 104 0.15 37.80 -41.62
CA ALA A 104 -0.78 37.79 -40.51
C ALA A 104 -0.68 36.48 -39.73
N VAL A 105 -0.55 35.36 -40.43
CA VAL A 105 -0.54 34.07 -39.76
C VAL A 105 0.65 33.92 -38.81
N PRO A 106 1.90 34.19 -39.21
CA PRO A 106 2.99 34.16 -38.22
C PRO A 106 2.78 35.14 -37.08
N LYS A 107 2.21 36.31 -37.38
CA LYS A 107 2.00 37.30 -36.33
C LYS A 107 0.96 36.81 -35.32
N LEU A 108 -0.20 36.35 -35.81
CA LEU A 108 -1.24 35.86 -34.91
C LEU A 108 -0.78 34.62 -34.15
N VAL A 109 0.05 33.78 -34.77
CA VAL A 109 0.48 32.55 -34.12
C VAL A 109 1.39 32.86 -32.94
N ASP A 110 2.37 33.73 -33.14
CA ASP A 110 3.20 34.13 -32.01
C ASP A 110 2.38 34.77 -30.89
N GLY A 111 1.24 35.36 -31.21
CA GLY A 111 0.42 35.96 -30.18
C GLY A 111 -0.71 35.10 -29.63
N ALA A 112 -0.89 33.88 -30.13
CA ALA A 112 -2.03 33.08 -29.73
C ALA A 112 -1.75 32.32 -28.43
N GLY A 113 -2.73 32.35 -27.53
CA GLY A 113 -2.64 31.55 -26.33
C GLY A 113 -1.82 32.18 -25.22
N LYS A 114 -1.73 33.51 -25.21
CA LYS A 114 -0.97 34.19 -24.17
C LYS A 114 -1.61 34.00 -22.81
N VAL A 115 -2.94 33.93 -22.77
CA VAL A 115 -3.67 33.87 -21.51
C VAL A 115 -3.24 32.66 -20.68
N PHE A 116 -2.80 31.58 -21.34
CA PHE A 116 -2.40 30.34 -20.69
C PHE A 116 -1.04 30.43 -20.02
N GLY A 117 -0.27 31.46 -20.33
CA GLY A 117 0.97 31.73 -19.64
C GLY A 117 0.83 32.68 -18.47
N THR A 118 -0.39 33.14 -18.17
CA THR A 118 -0.50 34.07 -17.06
C THR A 118 -0.56 33.31 -15.73
N GLN A 119 -0.17 34.01 -14.66
CA GLN A 119 -0.27 33.44 -13.33
C GLN A 119 -1.73 33.13 -12.97
N GLN A 120 -2.66 33.91 -13.51
CA GLN A 120 -4.08 33.66 -13.21
C GLN A 120 -4.53 32.31 -13.72
N PHE A 121 -4.05 31.90 -14.90
CA PHE A 121 -4.42 30.57 -15.37
C PHE A 121 -3.91 29.50 -14.42
N THR A 122 -2.63 29.58 -14.06
CA THR A 122 -2.08 28.63 -13.10
C THR A 122 -2.89 28.58 -11.82
N ASN A 123 -3.24 29.77 -11.27
CA ASN A 123 -4.04 29.82 -10.05
C ASN A 123 -5.37 29.10 -10.26
N ASP A 124 -6.05 29.38 -11.38
CA ASP A 124 -7.35 28.75 -11.62
C ASP A 124 -7.20 27.25 -11.82
N ALA A 125 -6.12 26.81 -12.46
CA ALA A 125 -5.89 25.37 -12.65
C ALA A 125 -5.63 24.67 -11.32
N GLN A 127 -6.75 25.68 -8.35
CA GLN A 127 -8.06 25.67 -7.70
C GLN A 127 -8.97 24.60 -8.29
N ALA A 128 -8.94 24.40 -9.61
CA ALA A 128 -9.74 23.35 -10.24
C ALA A 128 -9.28 21.96 -9.80
N GLN A 129 -7.99 21.79 -9.55
CA GLN A 129 -7.53 20.52 -9.01
C GLN A 129 -8.05 20.26 -7.59
N TYR A 130 -8.00 21.26 -6.72
CA TYR A 130 -8.59 21.08 -5.39
C TYR A 130 -10.06 20.72 -5.48
N ASP A 131 -10.81 21.47 -6.29
CA ASP A 131 -12.25 21.24 -6.35
C ASP A 131 -12.54 19.85 -6.87
N ALA A 132 -11.81 19.41 -7.90
CA ALA A 132 -12.07 18.09 -8.47
C ALA A 132 -11.75 16.99 -7.47
N TYR A 133 -10.61 17.08 -6.77
CA TYR A 133 -10.27 16.03 -5.81
C TYR A 133 -11.25 16.02 -4.65
N ALA A 134 -11.68 17.19 -4.19
CA ALA A 134 -12.62 17.22 -3.08
C ALA A 134 -13.99 16.67 -3.49
N LYS A 135 -14.38 16.85 -4.75
CA LYS A 135 -15.73 16.46 -5.16
C LYS A 135 -15.89 14.94 -5.23
N TYR A 136 -14.86 14.23 -5.72
CA TYR A 136 -15.02 12.81 -6.00
C TYR A 136 -14.41 11.91 -4.94
N TYR A 137 -13.63 12.45 -4.01
CA TYR A 137 -12.92 11.64 -3.04
C TYR A 137 -13.16 12.14 -1.62
N SER A 138 -13.25 11.20 -0.68
CA SER A 138 -13.31 11.53 0.73
C SER A 138 -11.91 11.79 1.28
N THR A 139 -11.88 12.39 2.47
CA THR A 139 -10.60 12.68 3.13
C THR A 139 -9.76 11.42 3.35
N SER A 140 -10.38 10.33 3.78
CA SER A 140 -9.55 9.14 3.97
C SER A 140 -9.09 8.57 2.62
N GLU A 141 -9.90 8.70 1.57
CA GLU A 141 -9.44 8.26 0.25
C GLU A 141 -8.29 9.13 -0.23
N ILE A 142 -8.36 10.44 -0.01
CA ILE A 142 -7.26 11.33 -0.36
C ILE A 142 -5.96 10.90 0.36
N LYS A 143 -6.06 10.54 1.64
CA LYS A 143 -4.87 10.11 2.36
C LYS A 143 -4.34 8.77 1.84
N ASP A 144 -5.23 7.81 1.54
CA ASP A 144 -4.80 6.55 0.91
C ASP A 144 -4.06 6.80 -0.41
N LEU A 145 -4.57 7.72 -1.23
CA LEU A 145 -3.92 8.00 -2.51
C LEU A 145 -2.50 8.52 -2.30
N THR A 146 -2.34 9.44 -1.35
CA THR A 146 -1.04 10.00 -1.08
C THR A 146 -0.06 8.92 -0.69
N THR A 147 -0.47 8.00 0.20
CA THR A 147 0.39 6.87 0.55
C THR A 147 0.79 6.07 -0.68
N PHE A 148 -0.16 5.80 -1.57
CA PHE A 148 0.21 5.04 -2.76
C PHE A 148 1.20 5.83 -3.61
N TYR A 149 0.93 7.12 -3.84
CA TYR A 149 1.77 7.92 -4.73
C TYR A 149 3.17 8.15 -4.17
N LYS A 150 3.31 8.15 -2.83
CA LYS A 150 4.61 8.26 -2.18
C LYS A 150 5.38 6.95 -2.15
N SER A 151 4.75 5.82 -2.47
CA SER A 151 5.48 4.55 -2.46
C SER A 151 6.29 4.40 -3.74
N PRO A 152 7.32 3.54 -3.73
CA PRO A 152 8.14 3.38 -4.95
C PRO A 152 7.30 2.99 -6.16
N THR A 153 6.31 2.12 -6.00
CA THR A 153 5.49 1.79 -7.15
C THR A 153 4.60 2.96 -7.53
N GLY A 154 4.12 3.72 -6.55
CA GLY A 154 3.39 4.92 -6.87
C GLY A 154 4.20 5.91 -7.69
N ARG A 155 5.49 6.07 -7.36
CA ARG A 155 6.30 7.05 -8.09
C ARG A 155 6.61 6.55 -9.50
N LYS A 156 6.88 5.25 -9.67
CA LYS A 156 7.01 4.69 -11.00
C LYS A 156 5.73 4.92 -11.81
N PHE A 157 4.57 4.65 -11.18
CA PHE A 157 3.27 4.86 -11.83
C PHE A 157 3.12 6.32 -12.30
N ILE A 158 3.45 7.29 -11.45
CA ILE A 158 3.42 8.68 -11.90
C ILE A 158 4.31 8.86 -13.13
N GLN A 159 5.40 8.08 -13.22
CA GLN A 159 6.40 8.31 -14.25
C GLN A 159 6.05 7.66 -15.59
N VAL A 160 5.48 6.44 -15.59
CA VAL A 160 5.33 5.66 -16.83
C VAL A 160 3.87 5.42 -17.26
N GLN A 161 2.88 5.63 -16.40
CA GLN A 161 1.54 5.13 -16.72
C GLN A 161 0.99 5.76 -17.99
N ASP A 162 1.23 7.05 -18.20
CA ASP A 162 0.85 7.68 -19.47
C ASP A 162 1.59 7.03 -20.63
N GLN A 163 2.86 6.63 -20.41
CA GLN A 163 3.61 5.98 -21.49
C GLN A 163 3.05 4.59 -21.80
N VAL A 164 2.54 3.88 -20.76
CA VAL A 164 1.87 2.60 -20.99
C VAL A 164 0.69 2.78 -21.94
N GLY A 165 -0.11 3.82 -21.71
CA GLY A 165 -1.29 4.02 -22.52
C GLY A 165 -0.93 4.36 -23.95
N ARG A 166 0.05 5.24 -24.12
CA ARG A 166 0.46 5.64 -25.47
C ARG A 166 1.01 4.45 -26.24
N ASP A 167 1.81 3.60 -25.61
CA ASP A 167 2.33 2.41 -26.29
C ASP A 167 1.20 1.49 -26.77
N VAL A 168 0.16 1.31 -25.95
CA VAL A 168 -0.96 0.47 -26.37
C VAL A 168 -1.64 1.07 -27.60
N VAL A 169 -2.00 2.35 -27.53
CA VAL A 169 -2.74 2.97 -28.63
C VAL A 169 -1.87 3.07 -29.88
N ASN A 170 -0.59 3.46 -29.73
CA ASN A 170 0.26 3.63 -30.90
C ASN A 170 0.55 2.32 -31.62
N GLY A 171 0.79 1.23 -30.89
CA GLY A 171 1.00 -0.05 -31.56
C GLY A 171 -0.22 -0.49 -32.37
N LEU A 172 -1.42 -0.34 -31.79
CA LEU A 172 -2.63 -0.76 -32.51
C LEU A 172 -2.88 0.13 -33.73
N GLN A 174 -0.64 1.76 -35.49
CA GLN A 174 0.29 1.37 -36.56
C GLN A 174 -0.24 0.18 -37.35
N LYS A 175 -0.82 -0.79 -36.66
CA LYS A 175 -1.28 -2.00 -37.34
C LYS A 175 -2.63 -1.78 -38.03
N TYR A 176 -3.55 -1.04 -37.42
CA TYR A 176 -4.93 -1.02 -37.89
C TYR A 176 -5.35 0.24 -38.63
N PRO A 178 -3.86 1.86 -41.21
CA PRO A 178 -3.81 1.62 -42.66
C PRO A 178 -4.92 0.72 -43.14
N GLN A 179 -5.28 -0.32 -42.38
CA GLN A 179 -6.33 -1.21 -42.84
C GLN A 179 -7.68 -0.49 -42.85
N ALA A 180 -7.92 0.35 -41.84
CA ALA A 180 -9.16 1.11 -41.80
C ALA A 180 -9.25 2.14 -42.93
N ILE A 181 -8.14 2.83 -43.22
CA ILE A 181 -8.14 3.81 -44.30
C ILE A 181 -8.38 3.13 -45.64
N LYS A 182 -7.66 2.04 -45.91
CA LYS A 182 -7.86 1.29 -47.14
C LYS A 182 -9.31 0.83 -47.31
N ALA A 183 -9.95 0.39 -46.22
CA ALA A 183 -11.33 -0.06 -46.33
C ALA A 183 -12.24 1.07 -46.82
N THR A 184 -12.13 2.25 -46.21
CA THR A 184 -12.90 3.40 -46.65
C THR A 184 -12.49 3.86 -48.04
N ARG A 185 -11.18 3.85 -48.33
CA ARG A 185 -10.71 4.35 -49.61
C ARG A 185 -11.24 3.50 -50.75
N ASP A 186 -11.20 2.16 -50.59
CA ASP A 186 -11.69 1.30 -51.66
C ASP A 186 -13.20 1.45 -51.86
N GLN A 187 -13.96 1.64 -50.78
CA GLN A 187 -15.38 1.90 -51.00
C GLN A 187 -15.61 3.29 -51.60
N ALA A 188 -14.77 4.26 -51.25
CA ALA A 188 -14.93 5.58 -51.84
C ALA A 188 -14.62 5.58 -53.33
N ASP A 189 -13.63 4.79 -53.75
CA ASP A 189 -13.32 4.69 -55.17
C ASP A 189 -14.49 4.14 -55.96
N LYS A 190 -15.22 3.17 -55.40
CA LYS A 190 -16.39 2.63 -56.09
C LYS A 190 -17.52 3.64 -56.14
N GLU A 191 -17.66 4.45 -55.09
CA GLU A 191 -18.68 5.49 -55.08
C GLU A 191 -18.37 6.58 -56.11
N VAL A 192 -17.10 6.95 -56.25
CA VAL A 192 -16.72 7.93 -57.25
C VAL A 192 -16.93 7.38 -58.66
N ALA A 193 -16.55 6.12 -58.89
CA ALA A 193 -16.72 5.55 -60.23
C ALA A 193 -18.18 5.38 -60.63
N ALA A 194 -19.05 5.18 -59.67
CA ALA A 194 -20.46 4.99 -59.97
C ALA A 194 -21.20 6.28 -60.24
N VAL A 195 -20.50 7.40 -60.22
CA VAL A 195 -21.16 8.67 -60.49
C VAL A 195 -21.57 8.70 -61.97
N ALA B 35 8.42 -6.05 -29.08
CA ALA B 35 7.51 -7.12 -28.69
C ALA B 35 8.28 -8.36 -28.19
N ALA B 36 8.54 -8.42 -26.88
CA ALA B 36 9.44 -9.41 -26.28
C ALA B 36 8.68 -10.51 -25.55
N PRO B 37 9.37 -11.62 -25.25
CA PRO B 37 8.75 -12.73 -24.51
C PRO B 37 8.60 -12.42 -23.03
N ILE B 38 7.39 -12.60 -22.50
CA ILE B 38 7.08 -12.35 -21.09
C ILE B 38 7.30 -13.64 -20.31
N ASP B 39 8.12 -13.60 -19.26
CA ASP B 39 8.32 -14.81 -18.47
C ASP B 39 7.03 -15.17 -17.72
N ALA B 40 6.98 -16.43 -17.27
CA ALA B 40 5.70 -16.99 -16.82
C ALA B 40 5.16 -16.28 -15.57
N ASP B 41 6.04 -15.98 -14.60
CA ASP B 41 5.55 -15.37 -13.37
C ASP B 41 5.12 -13.93 -13.60
N LYS B 42 5.79 -13.23 -14.51
CA LYS B 42 5.37 -11.89 -14.87
C LYS B 42 4.05 -11.89 -15.64
N LYS B 43 3.89 -12.83 -16.58
CA LYS B 43 2.63 -12.93 -17.31
C LYS B 43 1.45 -13.14 -16.35
N ALA B 44 1.58 -14.08 -15.42
CA ALA B 44 0.49 -14.34 -14.48
C ALA B 44 0.21 -13.13 -13.61
N ALA B 45 1.24 -12.36 -13.26
CA ALA B 45 0.98 -11.16 -12.47
C ALA B 45 0.23 -10.12 -13.29
N ILE B 46 0.61 -9.95 -14.56
CA ILE B 46 -0.08 -8.99 -15.41
C ILE B 46 -1.51 -9.42 -15.64
N LYS B 47 -1.75 -10.71 -15.84
CA LYS B 47 -3.12 -11.16 -16.01
C LYS B 47 -3.99 -10.75 -14.80
N ASP B 48 -3.47 -10.88 -13.58
CA ASP B 48 -4.23 -10.42 -12.42
C ASP B 48 -4.38 -8.89 -12.41
N LEU B 49 -3.35 -8.15 -12.83
CA LEU B 49 -3.49 -6.70 -12.87
C LEU B 49 -4.55 -6.28 -13.88
N LEU B 50 -4.51 -6.87 -15.09
CA LEU B 50 -5.49 -6.55 -16.12
C LEU B 50 -6.93 -6.82 -15.65
N ASP B 51 -7.14 -7.91 -14.93
CA ASP B 51 -8.45 -8.18 -14.35
C ASP B 51 -8.87 -7.09 -13.35
N ALA B 52 -7.94 -6.62 -12.53
CA ALA B 52 -8.27 -5.64 -11.49
C ALA B 52 -8.60 -4.27 -12.08
N ILE B 53 -8.03 -3.90 -13.23
CA ILE B 53 -8.34 -2.59 -13.79
C ILE B 53 -9.48 -2.70 -14.81
N ASP B 54 -10.12 -3.87 -14.91
CA ASP B 54 -11.12 -4.14 -15.94
C ASP B 54 -10.57 -3.79 -17.34
N ALA B 55 -9.49 -4.47 -17.71
CA ALA B 55 -8.86 -4.16 -18.99
C ALA B 55 -9.80 -4.28 -20.20
N PRO B 56 -10.77 -5.21 -20.25
CA PRO B 56 -11.66 -5.27 -21.42
C PRO B 56 -12.45 -4.00 -21.64
N LYS B 57 -12.85 -3.35 -20.55
CA LYS B 57 -13.53 -2.08 -20.69
C LYS B 57 -12.62 -1.06 -21.38
N LEU B 58 -11.33 -1.06 -21.02
CA LEU B 58 -10.39 -0.12 -21.66
C LEU B 58 -10.20 -0.42 -23.16
N VAL B 59 -10.11 -1.70 -23.53
CA VAL B 59 -10.05 -2.05 -24.93
C VAL B 59 -11.27 -1.51 -25.66
N SER B 60 -12.47 -1.71 -25.06
CA SER B 60 -13.69 -1.24 -25.69
C SER B 60 -13.64 0.26 -25.98
N ALA B 61 -13.07 1.05 -25.06
CA ALA B 61 -12.97 2.49 -25.28
C ALA B 61 -11.96 2.83 -26.37
N ILE B 62 -10.91 2.03 -26.51
CA ILE B 62 -9.94 2.27 -27.57
C ILE B 62 -10.54 1.94 -28.93
N ALA B 63 -11.29 0.85 -29.01
CA ALA B 63 -11.96 0.50 -30.27
C ALA B 63 -12.96 1.57 -30.67
N ASN B 64 -13.76 2.04 -29.70
CA ASN B 64 -14.77 3.04 -30.02
C ASN B 64 -14.12 4.35 -30.41
N SER B 65 -12.99 4.71 -29.80
CA SER B 65 -12.33 5.94 -30.21
C SER B 65 -11.74 5.84 -31.62
N ALA B 66 -11.13 4.69 -31.96
CA ALA B 66 -10.55 4.52 -33.30
C ALA B 66 -11.65 4.52 -34.36
N GLU B 67 -12.78 3.86 -34.07
CA GLU B 67 -13.90 3.86 -35.00
C GLU B 67 -14.40 5.27 -35.26
N GLN B 69 -12.56 8.01 -34.98
CA GLN B 69 -11.56 8.67 -35.77
C GLN B 69 -11.66 8.28 -37.23
N SER B 70 -11.90 6.99 -37.51
CA SER B 70 -12.12 6.56 -38.88
C SER B 70 -13.31 7.28 -39.51
N LYS B 71 -14.45 7.35 -38.79
CA LYS B 71 -15.60 8.03 -39.36
C LYS B 71 -15.30 9.49 -39.65
N GLN B 72 -14.45 10.13 -38.84
CA GLN B 72 -14.14 11.52 -39.09
C GLN B 72 -13.23 11.72 -40.30
N LEU B 73 -12.51 10.67 -40.73
CA LEU B 73 -11.66 10.76 -41.91
C LEU B 73 -12.40 10.58 -43.22
N VAL B 74 -13.68 10.17 -43.19
CA VAL B 74 -14.38 9.85 -44.44
C VAL B 74 -14.36 11.01 -45.42
N PRO B 75 -14.72 12.25 -45.03
CA PRO B 75 -14.69 13.35 -46.01
C PRO B 75 -13.34 13.51 -46.70
N ALA B 76 -12.23 13.41 -45.96
CA ALA B 76 -10.92 13.57 -46.58
C ALA B 76 -10.58 12.41 -47.50
N ILE B 77 -11.00 11.18 -47.14
CA ILE B 77 -10.72 10.05 -48.02
C ILE B 77 -11.57 10.13 -49.29
N LEU B 78 -12.83 10.54 -49.16
CA LEU B 78 -13.68 10.68 -50.34
C LEU B 78 -13.17 11.77 -51.26
N SER B 79 -12.71 12.89 -50.66
CA SER B 79 -12.06 13.93 -51.45
C SER B 79 -10.86 13.38 -52.22
N ASP B 80 -10.00 12.58 -51.55
CA ASP B 80 -8.85 12.00 -52.26
C ASP B 80 -9.28 11.07 -53.39
N ALA B 81 -10.28 10.23 -53.16
CA ALA B 81 -10.72 9.32 -54.21
C ALA B 81 -11.27 10.10 -55.41
N LEU B 82 -11.92 11.23 -55.15
CA LEU B 82 -12.44 12.06 -56.22
C LEU B 82 -11.31 12.76 -56.97
N SER B 83 -10.35 13.30 -56.23
CA SER B 83 -9.23 13.98 -56.87
C SER B 83 -8.40 13.03 -57.70
N GLU B 84 -8.25 11.79 -57.25
CA GLU B 84 -7.36 10.86 -57.93
C GLU B 84 -8.07 9.96 -58.91
N ASN B 85 -9.40 10.01 -58.98
CA ASN B 85 -10.11 9.23 -59.99
C ASN B 85 -9.64 9.62 -61.38
N LYS B 86 -9.54 8.63 -62.26
CA LYS B 86 -8.87 8.77 -63.54
C LYS B 86 -9.81 8.66 -64.74
N THR B 87 -11.14 8.66 -64.54
CA THR B 87 -12.09 8.61 -65.64
C THR B 87 -12.88 9.90 -65.85
N LEU B 88 -13.17 10.65 -64.79
CA LEU B 88 -14.04 11.82 -64.87
C LEU B 88 -13.24 13.08 -65.19
N ASN B 89 -13.81 13.93 -66.03
CA ASN B 89 -13.17 15.20 -66.29
C ASN B 89 -13.49 16.16 -65.15
N ASP B 90 -12.82 17.31 -65.15
CA ASP B 90 -12.85 18.19 -63.99
C ASP B 90 -14.22 18.82 -63.78
N LYS B 91 -15.00 19.00 -64.86
CA LYS B 91 -16.35 19.51 -64.71
C LYS B 91 -17.28 18.46 -64.11
N GLN B 92 -17.11 17.19 -64.48
CA GLN B 92 -17.94 16.13 -63.93
C GLN B 92 -17.65 15.91 -62.45
N LYS B 93 -16.39 16.03 -62.06
CA LYS B 93 -16.03 15.90 -60.65
C LYS B 93 -16.64 17.02 -59.83
N GLN B 94 -16.54 18.26 -60.34
CA GLN B 94 -17.07 19.40 -59.61
C GLN B 94 -18.59 19.28 -59.46
N ALA B 95 -19.27 18.74 -60.48
CA ALA B 95 -20.70 18.53 -60.45
C ALA B 95 -21.12 17.34 -59.60
N ALA B 96 -20.21 16.39 -59.33
CA ALA B 96 -20.54 15.22 -58.54
C ALA B 96 -20.49 15.50 -57.05
N VAL B 97 -19.83 16.60 -56.66
CA VAL B 97 -19.71 16.92 -55.24
C VAL B 97 -21.05 16.95 -54.52
N PRO B 98 -22.09 17.60 -55.06
CA PRO B 98 -23.36 17.69 -54.30
C PRO B 98 -23.96 16.34 -53.95
N THR B 99 -24.00 15.41 -54.90
CA THR B 99 -24.58 14.10 -54.61
C THR B 99 -23.65 13.22 -53.78
N LEU B 100 -22.34 13.35 -53.96
CA LEU B 100 -21.43 12.59 -53.11
C LEU B 100 -21.54 13.05 -51.66
N GLN B 101 -21.59 14.37 -51.43
CA GLN B 101 -21.84 14.89 -50.10
C GLN B 101 -23.13 14.34 -49.51
N LYS B 102 -24.15 14.12 -50.33
CA LYS B 102 -25.46 13.77 -49.82
C LYS B 102 -25.64 12.27 -49.61
N ASN B 103 -25.06 11.45 -50.48
CA ASN B 103 -25.25 10.01 -50.47
C ASN B 103 -24.01 9.23 -50.05
N ALA B 104 -22.85 9.56 -50.62
CA ALA B 104 -21.65 8.75 -50.38
C ALA B 104 -21.13 8.91 -48.96
N VAL B 105 -21.07 10.16 -48.46
CA VAL B 105 -20.48 10.39 -47.14
C VAL B 105 -21.27 9.68 -46.06
N PRO B 106 -22.60 9.79 -45.98
CA PRO B 106 -23.33 9.02 -44.96
C PRO B 106 -23.12 7.52 -45.08
N LYS B 107 -22.99 7.00 -46.30
CA LYS B 107 -22.77 5.58 -46.50
C LYS B 107 -21.35 5.17 -46.11
N LEU B 108 -20.36 6.01 -46.41
CA LEU B 108 -18.99 5.70 -46.01
C LEU B 108 -18.79 5.81 -44.51
N VAL B 109 -19.36 6.86 -43.90
CA VAL B 109 -19.33 7.02 -42.46
C VAL B 109 -19.93 5.80 -41.78
N ASP B 110 -21.08 5.34 -42.29
CA ASP B 110 -21.75 4.20 -41.67
C ASP B 110 -20.89 2.95 -41.69
N GLY B 111 -20.07 2.76 -42.73
CA GLY B 111 -19.25 1.58 -42.86
C GLY B 111 -17.81 1.71 -42.43
N ALA B 112 -17.40 2.87 -41.91
CA ALA B 112 -16.00 3.12 -41.62
C ALA B 112 -15.62 2.54 -40.26
N GLY B 113 -14.39 2.02 -40.18
CA GLY B 113 -13.83 1.50 -38.94
C GLY B 113 -14.42 0.20 -38.44
N LYS B 114 -14.99 -0.62 -39.33
CA LYS B 114 -15.53 -1.91 -38.89
C LYS B 114 -14.45 -2.77 -38.25
N VAL B 115 -13.21 -2.68 -38.75
CA VAL B 115 -12.11 -3.52 -38.27
C VAL B 115 -11.95 -3.44 -36.76
N PHE B 116 -12.29 -2.28 -36.17
CA PHE B 116 -12.15 -2.09 -34.73
C PHE B 116 -13.18 -2.85 -33.90
N GLY B 117 -14.26 -3.37 -34.51
CA GLY B 117 -15.18 -4.20 -33.78
C GLY B 117 -14.90 -5.68 -33.84
N THR B 118 -13.80 -6.09 -34.48
CA THR B 118 -13.53 -7.51 -34.67
C THR B 118 -12.89 -8.12 -33.43
N GLN B 119 -13.06 -9.44 -33.31
CA GLN B 119 -12.39 -10.17 -32.24
C GLN B 119 -10.87 -10.07 -32.39
N GLN B 120 -10.39 -10.03 -33.64
CA GLN B 120 -8.96 -9.89 -33.89
C GLN B 120 -8.43 -8.59 -33.29
N PHE B 121 -9.17 -7.49 -33.46
CA PHE B 121 -8.71 -6.25 -32.86
C PHE B 121 -8.66 -6.37 -31.34
N THR B 122 -9.75 -6.86 -30.74
CA THR B 122 -9.80 -7.04 -29.29
C THR B 122 -8.64 -7.89 -28.77
N ASN B 123 -8.39 -9.03 -29.42
CA ASN B 123 -7.26 -9.88 -29.04
C ASN B 123 -5.96 -9.10 -29.11
N ASP B 124 -5.75 -8.39 -30.22
CA ASP B 124 -4.50 -7.66 -30.41
C ASP B 124 -4.35 -6.57 -29.36
N ALA B 125 -5.44 -5.89 -29.02
CA ALA B 125 -5.36 -4.86 -27.99
C ALA B 125 -5.06 -5.48 -26.63
N GLN B 127 -3.15 -8.28 -26.20
CA GLN B 127 -1.72 -8.51 -26.27
C GLN B 127 -0.93 -7.21 -26.13
N ALA B 128 -1.44 -6.11 -26.70
CA ALA B 128 -0.74 -4.84 -26.57
C ALA B 128 -0.70 -4.36 -25.12
N GLN B 129 -1.76 -4.63 -24.34
CA GLN B 129 -1.74 -4.24 -22.93
C GLN B 129 -0.70 -5.07 -22.15
N TYR B 130 -0.66 -6.39 -22.39
CA TYR B 130 0.38 -7.19 -21.73
C TYR B 130 1.76 -6.62 -22.04
N ASP B 131 2.03 -6.38 -23.33
CA ASP B 131 3.36 -5.91 -23.75
C ASP B 131 3.68 -4.55 -23.15
N ALA B 132 2.71 -3.63 -23.15
CA ALA B 132 2.98 -2.33 -22.57
C ALA B 132 3.30 -2.43 -21.07
N TYR B 133 2.53 -3.23 -20.31
CA TYR B 133 2.83 -3.34 -18.88
C TYR B 133 4.17 -4.02 -18.63
N ALA B 134 4.48 -5.06 -19.40
CA ALA B 134 5.73 -5.78 -19.17
C ALA B 134 6.94 -4.90 -19.46
N LYS B 135 6.79 -3.96 -20.39
CA LYS B 135 7.89 -3.09 -20.80
C LYS B 135 8.24 -2.04 -19.74
N TYR B 136 7.25 -1.46 -19.08
CA TYR B 136 7.53 -0.34 -18.19
C TYR B 136 7.54 -0.73 -16.70
N TYR B 137 7.07 -1.92 -16.34
CA TYR B 137 6.96 -2.26 -14.93
C TYR B 137 7.65 -3.58 -14.67
N SER B 138 8.27 -3.70 -13.50
CA SER B 138 8.79 -4.99 -13.08
C SER B 138 7.66 -5.85 -12.52
N THR B 139 7.93 -7.15 -12.41
CA THR B 139 6.98 -8.08 -11.83
C THR B 139 6.55 -7.65 -10.42
N SER B 140 7.48 -7.19 -9.61
CA SER B 140 7.11 -6.78 -8.27
CA SER B 140 7.11 -6.78 -8.26
C SER B 140 6.29 -5.49 -8.29
N GLU B 141 6.56 -4.59 -9.23
CA GLU B 141 5.73 -3.38 -9.34
C GLU B 141 4.33 -3.72 -9.82
N ILE B 142 4.21 -4.66 -10.75
CA ILE B 142 2.89 -5.10 -11.18
C ILE B 142 2.10 -5.68 -10.01
N LYS B 143 2.76 -6.42 -9.12
CA LYS B 143 2.04 -6.95 -7.97
C LYS B 143 1.62 -5.85 -6.99
N ASP B 144 2.51 -4.88 -6.73
CA ASP B 144 2.10 -3.74 -5.90
C ASP B 144 0.89 -3.02 -6.51
N LEU B 145 0.91 -2.79 -7.84
CA LEU B 145 -0.20 -2.12 -8.49
C LEU B 145 -1.51 -2.86 -8.27
N THR B 146 -1.47 -4.19 -8.42
CA THR B 146 -2.67 -4.99 -8.23
C THR B 146 -3.22 -4.82 -6.83
N THR B 147 -2.35 -4.83 -5.82
CA THR B 147 -2.78 -4.60 -4.45
C THR B 147 -3.50 -3.26 -4.32
N PHE B 148 -2.91 -2.19 -4.88
CA PHE B 148 -3.59 -0.91 -4.79
C PHE B 148 -4.94 -0.94 -5.54
N TYR B 149 -4.98 -1.53 -6.73
CA TYR B 149 -6.22 -1.48 -7.53
C TYR B 149 -7.35 -2.28 -6.89
N LYS B 150 -7.04 -3.38 -6.20
CA LYS B 150 -8.04 -4.14 -5.48
C LYS B 150 -8.40 -3.55 -4.12
N SER B 151 -7.64 -2.59 -3.60
CA SER B 151 -8.02 -1.96 -2.34
C SER B 151 -9.24 -1.09 -2.53
N PRO B 152 -9.95 -0.75 -1.45
CA PRO B 152 -11.15 0.11 -1.59
C PRO B 152 -10.86 1.44 -2.27
N THR B 153 -9.73 2.08 -1.94
CA THR B 153 -9.44 3.34 -2.60
C THR B 153 -9.03 3.12 -4.05
N GLY B 154 -8.35 2.01 -4.36
CA GLY B 154 -8.05 1.69 -5.74
C GLY B 154 -9.31 1.48 -6.58
N ARG B 155 -10.26 0.74 -6.04
CA ARG B 155 -11.50 0.54 -6.77
C ARG B 155 -12.21 1.87 -7.03
N LYS B 156 -12.24 2.76 -6.03
CA LYS B 156 -12.76 4.10 -6.27
C LYS B 156 -11.99 4.80 -7.38
N PHE B 157 -10.65 4.76 -7.30
CA PHE B 157 -9.77 5.43 -8.28
C PHE B 157 -10.11 5.00 -9.71
N ILE B 158 -10.26 3.70 -9.93
CA ILE B 158 -10.62 3.21 -11.25
C ILE B 158 -11.89 3.86 -11.77
N GLN B 159 -12.84 4.16 -10.88
CA GLN B 159 -14.13 4.68 -11.33
C GLN B 159 -14.16 6.20 -11.51
N VAL B 160 -13.44 6.97 -10.70
CA VAL B 160 -13.60 8.42 -10.73
C VAL B 160 -12.38 9.16 -11.25
N GLN B 161 -11.21 8.54 -11.27
CA GLN B 161 -10.01 9.32 -11.53
C GLN B 161 -10.05 10.00 -12.91
N ASP B 162 -10.58 9.31 -13.92
CA ASP B 162 -10.73 9.97 -15.22
C ASP B 162 -11.67 11.17 -15.13
N GLN B 163 -12.73 11.06 -14.34
CA GLN B 163 -13.65 12.18 -14.16
C GLN B 163 -12.95 13.37 -13.53
N VAL B 164 -11.99 13.11 -12.62
CA VAL B 164 -11.24 14.19 -12.00
C VAL B 164 -10.43 14.96 -13.06
N GLY B 165 -9.77 14.23 -13.95
CA GLY B 165 -9.05 14.90 -15.02
C GLY B 165 -9.96 15.71 -15.93
N ARG B 166 -11.11 15.16 -16.30
CA ARG B 166 -11.99 15.88 -17.22
C ARG B 166 -12.53 17.16 -16.59
N ASP B 167 -12.91 17.08 -15.32
CA ASP B 167 -13.44 18.26 -14.63
C ASP B 167 -12.43 19.40 -14.63
N VAL B 168 -11.16 19.10 -14.38
CA VAL B 168 -10.13 20.14 -14.40
C VAL B 168 -10.02 20.77 -15.78
N VAL B 169 -9.82 19.94 -16.80
CA VAL B 169 -9.57 20.44 -18.15
C VAL B 169 -10.82 21.13 -18.72
N ASN B 170 -12.00 20.51 -18.57
CA ASN B 170 -13.22 21.12 -19.11
C ASN B 170 -13.55 22.44 -18.42
N GLY B 171 -13.34 22.53 -17.11
CA GLY B 171 -13.61 23.77 -16.41
C GLY B 171 -12.72 24.90 -16.87
N LEU B 172 -11.42 24.62 -17.04
CA LEU B 172 -10.49 25.64 -17.50
C LEU B 172 -10.76 26.03 -18.96
N GLN B 174 -13.68 26.01 -20.37
CA GLN B 174 -14.86 26.86 -20.41
C GLN B 174 -14.53 28.30 -20.02
N LYS B 175 -13.61 28.48 -19.08
CA LYS B 175 -13.27 29.84 -18.67
C LYS B 175 -12.31 30.53 -19.64
N TYR B 176 -11.43 29.78 -20.31
CA TYR B 176 -10.31 30.41 -20.99
C TYR B 176 -10.30 30.23 -22.51
N PRO B 178 -12.71 30.71 -24.71
CA PRO B 178 -13.30 31.88 -25.37
C PRO B 178 -12.38 33.09 -25.36
N GLN B 179 -11.68 33.35 -24.25
CA GLN B 179 -10.84 34.55 -24.20
C GLN B 179 -9.67 34.45 -25.16
N ALA B 180 -9.07 33.26 -25.26
CA ALA B 180 -7.98 33.07 -26.20
C ALA B 180 -8.45 33.21 -27.64
N ILE B 181 -9.62 32.64 -27.95
CA ILE B 181 -10.16 32.79 -29.32
C ILE B 181 -10.43 34.27 -29.61
N LYS B 182 -11.11 34.95 -28.68
CA LYS B 182 -11.42 36.37 -28.89
C LYS B 182 -10.14 37.20 -29.04
N ALA B 183 -9.08 36.89 -28.27
CA ALA B 183 -7.83 37.67 -28.41
C ALA B 183 -7.26 37.54 -29.83
N THR B 184 -7.21 36.31 -30.36
CA THR B 184 -6.74 36.11 -31.73
C THR B 184 -7.70 36.75 -32.74
N ARG B 185 -9.01 36.59 -32.54
CA ARG B 185 -9.97 37.13 -33.49
C ARG B 185 -9.87 38.65 -33.55
N ASP B 186 -9.73 39.31 -32.40
CA ASP B 186 -9.71 40.77 -32.41
C ASP B 186 -8.47 41.29 -33.13
N GLN B 187 -7.32 40.63 -32.94
CA GLN B 187 -6.15 41.02 -33.70
C GLN B 187 -6.32 40.66 -35.18
N ALA B 188 -7.04 39.57 -35.46
CA ALA B 188 -7.27 39.17 -36.83
C ALA B 188 -8.14 40.18 -37.57
N ASP B 189 -9.13 40.75 -36.86
CA ASP B 189 -9.91 41.84 -37.45
C ASP B 189 -9.01 42.99 -37.90
N LYS B 190 -8.03 43.34 -37.05
CA LYS B 190 -7.15 44.46 -37.35
C LYS B 190 -6.28 44.18 -38.56
N GLU B 191 -5.80 42.95 -38.70
CA GLU B 191 -4.96 42.58 -39.84
C GLU B 191 -5.73 42.66 -41.14
N VAL B 192 -6.98 42.18 -41.15
CA VAL B 192 -7.77 42.24 -42.38
C VAL B 192 -8.12 43.68 -42.71
N ALA B 193 -8.51 44.45 -41.71
CA ALA B 193 -8.85 45.83 -41.95
C ALA B 193 -7.66 46.64 -42.43
N ALA B 194 -6.47 46.12 -42.22
CA ALA B 194 -5.26 46.80 -42.64
C ALA B 194 -4.86 46.51 -44.07
N VAL B 195 -5.49 45.53 -44.69
CA VAL B 195 -5.13 45.21 -46.07
C VAL B 195 -5.45 46.40 -46.94
N LYS B 196 -4.55 46.76 -47.84
CA LYS B 196 -4.85 47.86 -48.70
C LYS B 196 -4.89 47.26 -50.08
N PRO B 197 -6.00 47.40 -50.77
CA PRO B 197 -6.03 46.80 -52.11
C PRO B 197 -5.65 47.79 -53.19
N PRO C 37 -5.80 -27.80 4.16
CA PRO C 37 -5.17 -28.09 2.88
C PRO C 37 -4.82 -26.80 2.13
N ILE C 38 -3.54 -26.58 1.82
CA ILE C 38 -3.08 -25.37 1.17
C ILE C 38 -3.00 -25.60 -0.34
N ASP C 39 -3.78 -24.83 -1.10
CA ASP C 39 -3.76 -24.97 -2.55
C ASP C 39 -2.50 -24.34 -3.13
N ALA C 40 -2.20 -24.66 -4.38
CA ALA C 40 -0.92 -24.29 -4.94
C ALA C 40 -0.69 -22.78 -4.92
N ASP C 41 -1.71 -21.99 -5.30
CA ASP C 41 -1.50 -20.55 -5.37
C ASP C 41 -1.42 -19.91 -3.98
N LYS C 42 -2.09 -20.48 -2.98
CA LYS C 42 -1.93 -19.98 -1.62
C LYS C 42 -0.56 -20.32 -1.06
N LYS C 43 -0.05 -21.52 -1.37
CA LYS C 43 1.27 -21.94 -0.91
C LYS C 43 2.35 -21.04 -1.48
N ALA C 44 2.25 -20.69 -2.77
CA ALA C 44 3.25 -19.81 -3.38
C ALA C 44 3.14 -18.39 -2.83
N ALA C 45 1.92 -17.94 -2.51
CA ALA C 45 1.78 -16.62 -1.93
C ALA C 45 2.40 -16.58 -0.53
N ILE C 46 2.19 -17.63 0.27
CA ILE C 46 2.76 -17.66 1.61
C ILE C 46 4.29 -17.71 1.56
N LYS C 47 4.85 -18.51 0.64
CA LYS C 47 6.30 -18.55 0.48
C LYS C 47 6.88 -17.15 0.27
N ASP C 48 6.24 -16.33 -0.57
CA ASP C 48 6.69 -14.95 -0.75
C ASP C 48 6.52 -14.12 0.52
N LEU C 49 5.40 -14.29 1.22
CA LEU C 49 5.24 -13.56 2.48
C LEU C 49 6.34 -13.93 3.47
N LEU C 50 6.67 -15.22 3.59
CA LEU C 50 7.67 -15.64 4.57
C LEU C 50 9.06 -15.14 4.22
N ASP C 51 9.40 -15.06 2.92
CA ASP C 51 10.60 -14.35 2.49
C ASP C 51 10.57 -12.89 2.90
N ALA C 52 9.42 -12.24 2.75
CA ALA C 52 9.31 -10.82 3.04
C ALA C 52 9.45 -10.53 4.55
N ILE C 53 9.05 -11.45 5.42
CA ILE C 53 9.19 -11.22 6.87
C ILE C 53 10.43 -11.90 7.43
N ASP C 54 11.26 -12.52 6.58
CA ASP C 54 12.44 -13.24 7.01
C ASP C 54 12.07 -14.31 8.05
N ALA C 55 11.20 -15.21 7.61
CA ALA C 55 10.71 -16.25 8.50
C ALA C 55 11.82 -17.11 9.11
N PRO C 56 12.94 -17.42 8.44
CA PRO C 56 13.98 -18.23 9.09
C PRO C 56 14.56 -17.59 10.31
N LYS C 57 14.62 -16.26 10.33
CA LYS C 57 15.01 -15.54 11.53
C LYS C 57 14.02 -15.80 12.68
N LEU C 58 12.72 -15.75 12.38
CA LEU C 58 11.69 -15.99 13.39
C LEU C 58 11.77 -17.40 13.94
N VAL C 59 11.90 -18.39 13.06
CA VAL C 59 12.08 -19.77 13.52
C VAL C 59 13.28 -19.87 14.45
N SER C 60 14.39 -19.22 14.09
CA SER C 60 15.61 -19.35 14.88
C SER C 60 15.41 -18.84 16.29
N ALA C 61 14.65 -17.74 16.45
CA ALA C 61 14.39 -17.18 17.78
C ALA C 61 13.42 -18.06 18.59
N ILE C 62 12.49 -18.74 17.92
CA ILE C 62 11.64 -19.69 18.64
C ILE C 62 12.48 -20.85 19.17
N ALA C 63 13.36 -21.38 18.33
CA ALA C 63 14.24 -22.46 18.76
C ALA C 63 15.12 -22.02 19.92
N ASN C 64 15.68 -20.82 19.82
CA ASN C 64 16.53 -20.32 20.89
C ASN C 64 15.74 -20.16 22.19
N SER C 65 14.52 -19.63 22.07
CA SER C 65 13.64 -19.47 23.23
C SER C 65 13.32 -20.82 23.87
N ALA C 66 12.94 -21.81 23.07
CA ALA C 66 12.58 -23.11 23.60
C ALA C 66 13.75 -23.78 24.31
N GLU C 67 14.96 -23.64 23.75
CA GLU C 67 16.13 -24.24 24.38
C GLU C 67 16.35 -23.66 25.77
N GLN C 69 14.15 -22.13 27.82
CA GLN C 69 13.15 -22.69 28.72
C GLN C 69 13.55 -24.07 29.19
N SER C 70 14.03 -24.91 28.26
CA SER C 70 14.42 -26.26 28.61
C SER C 70 15.57 -26.27 29.61
N LYS C 71 16.60 -25.45 29.37
CA LYS C 71 17.70 -25.38 30.33
C LYS C 71 17.24 -24.85 31.69
N GLN C 72 16.25 -23.95 31.70
CA GLN C 72 15.80 -23.39 32.97
C GLN C 72 14.91 -24.34 33.76
N LEU C 73 14.37 -25.39 33.13
CA LEU C 73 13.52 -26.36 33.80
C LEU C 73 14.29 -27.49 34.47
N VAL C 74 15.62 -27.47 34.44
CA VAL C 74 16.42 -28.64 34.85
C VAL C 74 16.36 -28.80 36.37
N PRO C 75 16.55 -27.74 37.16
CA PRO C 75 16.41 -27.91 38.61
C PRO C 75 15.07 -28.53 39.01
N ALA C 76 13.98 -28.11 38.36
CA ALA C 76 12.67 -28.67 38.71
C ALA C 76 12.56 -30.12 38.29
N ILE C 77 13.16 -30.49 37.14
CA ILE C 77 13.07 -31.87 36.68
C ILE C 77 13.95 -32.78 37.51
N LEU C 78 15.12 -32.28 37.96
CA LEU C 78 16.00 -33.06 38.82
C LEU C 78 15.39 -33.28 40.20
N SER C 79 14.72 -32.27 40.75
CA SER C 79 13.99 -32.46 42.00
C SER C 79 12.94 -33.56 41.84
N ASP C 80 12.21 -33.57 40.71
CA ASP C 80 11.24 -34.62 40.44
C ASP C 80 11.91 -36.00 40.45
N ALA C 81 13.03 -36.13 39.73
CA ALA C 81 13.70 -37.43 39.64
C ALA C 81 14.28 -37.85 40.99
N LEU C 82 14.78 -36.89 41.78
CA LEU C 82 15.27 -37.24 43.11
C LEU C 82 14.13 -37.72 43.98
N SER C 83 13.05 -36.94 44.03
CA SER C 83 11.91 -37.26 44.87
C SER C 83 11.24 -38.58 44.49
N GLU C 84 11.21 -38.94 43.21
CA GLU C 84 10.56 -40.18 42.80
C GLU C 84 11.49 -41.38 42.78
N ASN C 85 12.79 -41.20 42.97
CA ASN C 85 13.72 -42.32 43.02
C ASN C 85 13.44 -43.27 44.20
N LYS C 86 13.64 -44.58 43.96
CA LYS C 86 13.39 -45.64 44.92
C LYS C 86 14.65 -46.33 45.42
N THR C 87 15.82 -45.76 45.20
CA THR C 87 17.02 -46.41 45.74
C THR C 87 17.50 -45.73 47.00
N LEU C 88 17.41 -44.41 47.06
CA LEU C 88 17.90 -43.64 48.19
C LEU C 88 16.78 -43.40 49.19
N ASN C 89 17.13 -43.48 50.48
CA ASN C 89 16.16 -43.07 51.49
C ASN C 89 16.18 -41.55 51.64
N ASP C 90 15.23 -41.03 52.42
CA ASP C 90 15.03 -39.59 52.40
C ASP C 90 16.19 -38.83 53.05
N LYS C 91 16.92 -39.43 53.99
CA LYS C 91 18.13 -38.75 54.45
C LYS C 91 19.23 -38.83 53.42
N GLN C 92 19.33 -39.95 52.71
CA GLN C 92 20.33 -40.06 51.65
C GLN C 92 20.00 -39.09 50.51
N LYS C 93 18.71 -38.89 50.21
CA LYS C 93 18.32 -37.93 49.19
C LYS C 93 18.70 -36.51 49.60
N GLN C 94 18.47 -36.17 50.86
CA GLN C 94 18.88 -34.86 51.36
C GLN C 94 20.39 -34.69 51.27
N ALA C 95 21.15 -35.75 51.54
CA ALA C 95 22.60 -35.69 51.48
C ALA C 95 23.13 -35.69 50.06
N ALA C 96 22.34 -36.16 49.11
CA ALA C 96 22.79 -36.22 47.73
C ALA C 96 22.68 -34.87 47.02
N VAL C 97 21.90 -33.94 47.57
CA VAL C 97 21.68 -32.65 46.90
C VAL C 97 22.98 -31.93 46.57
N PRO C 98 23.96 -31.85 47.48
CA PRO C 98 25.21 -31.15 47.14
C PRO C 98 25.93 -31.69 45.91
N THR C 99 26.01 -33.01 45.75
CA THR C 99 26.75 -33.58 44.63
C THR C 99 25.91 -33.65 43.34
N LEU C 100 24.58 -33.72 43.48
CA LEU C 100 23.71 -33.50 42.33
C LEU C 100 23.77 -32.03 41.89
N GLN C 101 23.78 -31.12 42.87
CA GLN C 101 23.80 -29.69 42.57
C GLN C 101 25.07 -29.28 41.84
N LYS C 102 26.18 -29.98 42.10
CA LYS C 102 27.46 -29.60 41.52
C LYS C 102 27.77 -30.32 40.21
N ASN C 103 27.36 -31.57 40.07
CA ASN C 103 27.74 -32.38 38.91
C ASN C 103 26.58 -32.63 37.96
N ALA C 104 25.42 -33.04 38.48
CA ALA C 104 24.32 -33.43 37.59
C ALA C 104 23.70 -32.21 36.92
N VAL C 105 23.49 -31.13 37.67
CA VAL C 105 22.79 -29.97 37.11
C VAL C 105 23.52 -29.36 35.91
N PRO C 106 24.82 -29.05 35.98
CA PRO C 106 25.51 -28.54 34.78
C PRO C 106 25.48 -29.50 33.61
N LYS C 107 25.56 -30.81 33.86
CA LYS C 107 25.53 -31.78 32.77
C LYS C 107 24.15 -31.87 32.12
N LEU C 108 23.09 -31.84 32.94
CA LEU C 108 21.73 -31.86 32.40
C LEU C 108 21.41 -30.55 31.70
N VAL C 109 21.94 -29.43 32.22
CA VAL C 109 21.74 -28.14 31.57
C VAL C 109 22.43 -28.11 30.20
N ASP C 110 23.59 -28.76 30.08
CA ASP C 110 24.27 -28.76 28.79
C ASP C 110 23.46 -29.52 27.73
N GLY C 111 22.84 -30.64 28.13
CA GLY C 111 22.07 -31.42 27.19
C GLY C 111 20.60 -31.06 27.08
N ALA C 112 20.13 -30.05 27.79
CA ALA C 112 18.71 -29.77 27.83
C ALA C 112 18.28 -29.03 26.56
N GLY C 113 17.19 -29.49 25.95
CA GLY C 113 16.62 -28.82 24.81
C GLY C 113 17.40 -29.01 23.53
N LYS C 114 18.13 -30.12 23.39
CA LYS C 114 18.87 -30.36 22.15
C LYS C 114 17.94 -30.50 20.96
N VAL C 115 16.74 -31.05 21.17
CA VAL C 115 15.83 -31.30 20.07
C VAL C 115 15.55 -30.03 19.27
N PHE C 116 15.59 -28.87 19.92
CA PHE C 116 15.27 -27.62 19.23
C PHE C 116 16.35 -27.16 18.27
N GLY C 117 17.53 -27.73 18.34
CA GLY C 117 18.59 -27.49 17.39
C GLY C 117 18.60 -28.46 16.23
N THR C 118 17.66 -29.39 16.18
CA THR C 118 17.65 -30.34 15.09
C THR C 118 17.03 -29.72 13.84
N GLN C 119 17.40 -30.26 12.68
CA GLN C 119 16.75 -29.83 11.44
C GLN C 119 15.27 -30.21 11.46
N GLN C 120 14.91 -31.24 12.21
CA GLN C 120 13.51 -31.63 12.29
C GLN C 120 12.69 -30.53 12.96
N PHE C 121 13.22 -29.91 14.01
CA PHE C 121 12.48 -28.81 14.63
C PHE C 121 12.34 -27.65 13.65
N THR C 122 13.43 -27.24 13.02
CA THR C 122 13.39 -26.18 12.02
C THR C 122 12.36 -26.47 10.94
N ASN C 123 12.36 -27.70 10.41
CA ASN C 123 11.37 -28.10 9.41
C ASN C 123 9.96 -27.96 9.96
N ASP C 124 9.71 -28.46 11.19
CA ASP C 124 8.35 -28.39 11.74
C ASP C 124 7.94 -26.95 12.03
N ALA C 125 8.89 -26.11 12.48
CA ALA C 125 8.55 -24.71 12.71
C ALA C 125 8.24 -23.98 11.39
N GLN C 127 6.92 -25.43 8.71
CA GLN C 127 5.62 -25.94 8.30
C GLN C 127 4.51 -25.31 9.12
N ALA C 128 4.76 -25.08 10.42
CA ALA C 128 3.78 -24.42 11.28
C ALA C 128 3.55 -22.98 10.86
N GLN C 129 4.57 -22.30 10.32
CA GLN C 129 4.32 -20.94 9.83
C GLN C 129 3.38 -20.96 8.63
N TYR C 130 3.62 -21.87 7.68
CA TYR C 130 2.69 -22.03 6.56
C TYR C 130 1.29 -22.31 7.07
N ASP C 131 1.17 -23.28 8.00
CA ASP C 131 -0.14 -23.70 8.48
C ASP C 131 -0.86 -22.56 9.15
N ALA C 132 -0.16 -21.80 9.98
CA ALA C 132 -0.83 -20.69 10.66
C ALA C 132 -1.28 -19.61 9.67
N TYR C 133 -0.43 -19.23 8.71
CA TYR C 133 -0.84 -18.19 7.77
C TYR C 133 -1.99 -18.66 6.89
N ALA C 134 -1.97 -19.91 6.43
CA ALA C 134 -3.06 -20.41 5.61
C ALA C 134 -4.38 -20.47 6.38
N LYS C 135 -4.31 -20.74 7.70
CA LYS C 135 -5.53 -20.90 8.50
C LYS C 135 -6.24 -19.57 8.75
N TYR C 136 -5.50 -18.49 8.96
CA TYR C 136 -6.14 -17.26 9.37
C TYR C 136 -6.32 -16.25 8.26
N TYR C 137 -5.67 -16.42 7.11
CA TYR C 137 -5.67 -15.41 6.07
C TYR C 137 -6.08 -16.02 4.73
N SER C 138 -6.79 -15.23 3.94
CA SER C 138 -7.06 -15.63 2.57
C SER C 138 -5.85 -15.34 1.69
N THR C 139 -5.84 -15.96 0.50
CA THR C 139 -4.74 -15.73 -0.43
C THR C 139 -4.58 -14.25 -0.76
N SER C 140 -5.68 -13.53 -0.94
CA SER C 140 -5.52 -12.12 -1.28
C SER C 140 -5.13 -11.27 -0.06
N GLU C 141 -5.49 -11.68 1.15
CA GLU C 141 -4.93 -11.01 2.31
C GLU C 141 -3.44 -11.30 2.46
N ILE C 142 -3.02 -12.51 2.08
CA ILE C 142 -1.60 -12.84 2.09
C ILE C 142 -0.83 -11.95 1.12
N LYS C 143 -1.38 -11.73 -0.09
CA LYS C 143 -0.71 -10.90 -1.08
C LYS C 143 -0.69 -9.45 -0.62
N ASP C 144 -1.80 -8.94 -0.06
CA ASP C 144 -1.77 -7.59 0.51
C ASP C 144 -0.66 -7.45 1.56
N LEU C 145 -0.54 -8.43 2.46
CA LEU C 145 0.47 -8.32 3.50
C LEU C 145 1.86 -8.24 2.90
N THR C 146 2.11 -9.09 1.90
CA THR C 146 3.40 -9.13 1.23
C THR C 146 3.72 -7.78 0.59
N THR C 147 2.73 -7.18 -0.09
CA THR C 147 2.93 -5.84 -0.64
C THR C 147 3.34 -4.86 0.45
N PHE C 148 2.66 -4.89 1.60
CA PHE C 148 3.03 -3.98 2.67
C PHE C 148 4.44 -4.26 3.18
N TYR C 149 4.75 -5.54 3.44
CA TYR C 149 6.05 -5.87 4.06
C TYR C 149 7.21 -5.58 3.12
N LYS C 150 6.99 -5.59 1.80
CA LYS C 150 8.01 -5.24 0.84
C LYS C 150 8.13 -3.74 0.63
N SER C 151 7.22 -2.93 1.13
CA SER C 151 7.38 -1.50 0.97
C SER C 151 8.42 -0.96 1.94
N PRO C 152 8.95 0.24 1.70
CA PRO C 152 9.96 0.78 2.63
C PRO C 152 9.46 0.87 4.06
N THR C 153 8.19 1.23 4.25
CA THR C 153 7.67 1.30 5.61
C THR C 153 7.44 -0.10 6.17
N GLY C 154 7.02 -1.04 5.33
CA GLY C 154 6.94 -2.41 5.77
C GLY C 154 8.27 -2.97 6.19
N ARG C 155 9.34 -2.66 5.44
CA ARG C 155 10.65 -3.12 5.85
CA ARG C 155 10.70 -3.07 5.80
C ARG C 155 11.08 -2.47 7.16
N LYS C 156 10.85 -1.17 7.33
CA LYS C 156 11.12 -0.52 8.59
C LYS C 156 10.32 -1.17 9.73
N PHE C 157 9.04 -1.40 9.50
CA PHE C 157 8.22 -2.06 10.51
C PHE C 157 8.82 -3.39 10.95
N ILE C 158 9.25 -4.21 9.98
CA ILE C 158 9.88 -5.49 10.31
C ILE C 158 11.11 -5.26 11.15
N GLN C 159 11.80 -4.15 10.95
CA GLN C 159 13.08 -3.88 11.59
C GLN C 159 12.95 -3.33 13.01
N VAL C 160 11.99 -2.44 13.26
CA VAL C 160 11.96 -1.71 14.52
C VAL C 160 10.77 -2.04 15.41
N GLN C 161 9.71 -2.67 14.88
CA GLN C 161 8.46 -2.73 15.63
C GLN C 161 8.64 -3.41 16.98
N ASP C 162 9.44 -4.49 17.04
CA ASP C 162 9.69 -5.11 18.33
C ASP C 162 10.40 -4.15 19.27
N GLN C 163 11.32 -3.34 18.75
CA GLN C 163 11.97 -2.35 19.60
C GLN C 163 10.98 -1.31 20.09
N VAL C 164 9.97 -0.99 19.29
CA VAL C 164 8.92 -0.08 19.75
C VAL C 164 8.18 -0.68 20.94
N GLY C 165 7.85 -1.96 20.87
CA GLY C 165 7.12 -2.59 21.96
C GLY C 165 7.97 -2.65 23.22
N ARG C 166 9.25 -2.99 23.08
CA ARG C 166 10.14 -3.09 24.22
C ARG C 166 10.36 -1.75 24.90
N ASP C 167 10.48 -0.67 24.13
CA ASP C 167 10.66 0.65 24.73
C ASP C 167 9.46 1.04 25.58
N VAL C 168 8.24 0.77 25.10
CA VAL C 168 7.05 1.07 25.88
C VAL C 168 7.08 0.32 27.21
N VAL C 169 7.28 -1.00 27.15
CA VAL C 169 7.19 -1.82 28.35
C VAL C 169 8.36 -1.54 29.30
N ASN C 170 9.60 -1.43 28.79
CA ASN C 170 10.74 -1.22 29.69
C ASN C 170 10.65 0.11 30.42
N GLY C 171 10.20 1.16 29.73
CA GLY C 171 10.05 2.45 30.40
C GLY C 171 9.01 2.42 31.50
N LEU C 172 7.84 1.82 31.22
CA LEU C 172 6.80 1.72 32.24
C LEU C 172 7.20 0.77 33.36
N GLN C 174 10.27 0.24 34.41
CA GLN C 174 11.21 0.91 35.28
C GLN C 174 10.50 1.87 36.20
N LYS C 175 9.55 2.61 35.67
CA LYS C 175 8.82 3.54 36.50
C LYS C 175 7.87 2.91 37.54
N TYR C 176 7.11 1.90 37.14
CA TYR C 176 6.13 1.28 38.03
C TYR C 176 6.45 -0.01 38.79
N PRO C 178 9.12 -0.85 40.60
CA PRO C 178 9.53 -0.53 41.98
C PRO C 178 8.36 -0.12 42.86
N GLN C 179 7.40 0.65 42.33
CA GLN C 179 6.29 1.09 43.16
C GLN C 179 5.40 -0.08 43.53
N ALA C 180 5.20 -1.02 42.60
CA ALA C 180 4.43 -2.22 42.93
C ALA C 180 5.18 -3.10 43.91
N ILE C 181 6.51 -3.20 43.76
CA ILE C 181 7.32 -4.00 44.67
C ILE C 181 7.24 -3.44 46.08
N LYS C 182 7.40 -2.13 46.22
CA LYS C 182 7.30 -1.47 47.52
C LYS C 182 5.95 -1.71 48.17
N ALA C 183 4.86 -1.65 47.39
CA ALA C 183 3.53 -1.83 47.94
C ALA C 183 3.36 -3.23 48.54
N THR C 184 3.77 -4.25 47.80
CA THR C 184 3.73 -5.61 48.32
C THR C 184 4.72 -5.82 49.46
N ARG C 185 5.94 -5.27 49.33
CA ARG C 185 6.99 -5.49 50.32
C ARG C 185 6.67 -4.84 51.67
N ASP C 186 6.09 -3.65 51.65
CA ASP C 186 5.64 -3.02 52.90
C ASP C 186 4.51 -3.83 53.55
N GLN C 187 3.60 -4.38 52.75
CA GLN C 187 2.58 -5.22 53.35
C GLN C 187 3.16 -6.55 53.83
N ALA C 188 4.21 -7.05 53.16
CA ALA C 188 4.83 -8.28 53.63
C ALA C 188 5.55 -8.07 54.96
N ASP C 189 6.15 -6.89 55.15
CA ASP C 189 6.83 -6.60 56.40
C ASP C 189 5.84 -6.62 57.56
N LYS C 190 4.61 -6.16 57.32
CA LYS C 190 3.60 -6.20 58.37
C LYS C 190 3.15 -7.63 58.64
N GLU C 191 3.02 -8.44 57.60
CA GLU C 191 2.61 -9.83 57.80
C GLU C 191 3.64 -10.60 58.61
N VAL C 192 4.93 -10.33 58.40
CA VAL C 192 5.99 -11.04 59.12
C VAL C 192 6.01 -10.61 60.58
N ALA C 193 5.85 -9.30 60.83
CA ALA C 193 5.86 -8.80 62.20
C ALA C 193 4.73 -9.38 63.05
N ALA C 194 3.65 -9.88 62.42
CA ALA C 194 2.44 -10.18 63.16
C ALA C 194 2.49 -11.53 63.86
N VAL C 195 3.04 -12.55 63.20
CA VAL C 195 3.25 -13.87 63.83
C VAL C 195 4.25 -14.62 62.96
N PRO D 37 11.45 16.32 22.28
CA PRO D 37 10.37 17.19 21.79
C PRO D 37 9.87 16.78 20.39
N ILE D 38 8.57 16.49 20.30
CA ILE D 38 7.92 16.02 19.07
C ILE D 38 7.29 17.19 18.32
N ASP D 39 7.59 17.29 17.02
CA ASP D 39 6.96 18.32 16.19
C ASP D 39 5.47 18.06 15.99
N ALA D 40 4.75 19.11 15.63
CA ALA D 40 3.29 19.11 15.82
C ALA D 40 2.59 18.20 14.83
N ASP D 41 3.03 18.19 13.57
CA ASP D 41 2.36 17.34 12.58
C ASP D 41 2.63 15.87 12.85
N LYS D 42 3.75 15.57 13.48
CA LYS D 42 4.06 14.19 13.83
C LYS D 42 3.16 13.69 14.96
N LYS D 43 2.88 14.53 15.95
CA LYS D 43 2.03 14.08 17.05
C LYS D 43 0.62 13.83 16.56
N ALA D 44 0.13 14.66 15.65
CA ALA D 44 -1.21 14.44 15.11
C ALA D 44 -1.25 13.17 14.27
N ALA D 45 -0.15 12.86 13.58
CA ALA D 45 -0.10 11.63 12.80
C ALA D 45 -0.06 10.41 13.71
N ILE D 46 0.71 10.49 14.78
CA ILE D 46 0.78 9.37 15.69
C ILE D 46 -0.57 9.15 16.36
N LYS D 47 -1.24 10.23 16.74
CA LYS D 47 -2.57 10.11 17.34
C LYS D 47 -3.51 9.33 16.43
N ASP D 48 -3.49 9.61 15.12
CA ASP D 48 -4.33 8.83 14.21
C ASP D 48 -3.90 7.36 14.14
N LEU D 49 -2.59 7.11 14.16
CA LEU D 49 -2.12 5.72 14.15
C LEU D 49 -2.52 4.99 15.43
N LEU D 50 -2.31 5.62 16.60
CA LEU D 50 -2.72 4.97 17.85
C LEU D 50 -4.21 4.65 17.81
N ASP D 51 -5.02 5.51 17.19
CA ASP D 51 -6.44 5.20 17.05
C ASP D 51 -6.66 4.01 16.12
N ALA D 52 -5.94 3.96 15.00
CA ALA D 52 -6.15 2.88 14.04
C ALA D 52 -5.77 1.52 14.62
N ILE D 53 -4.80 1.46 15.52
CA ILE D 53 -4.37 0.18 16.08
C ILE D 53 -5.07 -0.11 17.41
N ASP D 54 -6.02 0.74 17.82
CA ASP D 54 -6.74 0.54 19.07
C ASP D 54 -5.77 0.47 20.25
N ALA D 55 -4.98 1.54 20.39
CA ALA D 55 -3.93 1.53 21.41
C ALA D 55 -4.47 1.38 22.84
N PRO D 56 -5.66 1.89 23.21
CA PRO D 56 -6.13 1.66 24.59
C PRO D 56 -6.25 0.19 24.91
N LYS D 57 -6.61 -0.61 23.92
CA LYS D 57 -6.67 -2.05 24.10
C LYS D 57 -5.28 -2.61 24.37
N LEU D 58 -4.24 -2.09 23.69
CA LEU D 58 -2.88 -2.55 23.93
C LEU D 58 -2.39 -2.14 25.32
N VAL D 59 -2.73 -0.94 25.76
CA VAL D 59 -2.41 -0.50 27.11
C VAL D 59 -3.06 -1.41 28.14
N SER D 60 -4.33 -1.76 27.92
CA SER D 60 -5.04 -2.64 28.83
C SER D 60 -4.31 -3.98 28.99
N ALA D 61 -3.75 -4.51 27.90
CA ALA D 61 -3.05 -5.78 28.00
C ALA D 61 -1.71 -5.61 28.71
N ILE D 62 -1.04 -4.48 28.54
CA ILE D 62 0.21 -4.26 29.26
C ILE D 62 -0.05 -4.16 30.76
N ALA D 63 -1.09 -3.43 31.16
CA ALA D 63 -1.39 -3.32 32.58
C ALA D 63 -1.72 -4.70 33.17
N ASN D 64 -2.56 -5.47 32.47
CA ASN D 64 -2.96 -6.78 32.96
C ASN D 64 -1.77 -7.72 33.05
N SER D 65 -0.83 -7.62 32.12
CA SER D 65 0.38 -8.43 32.25
C SER D 65 1.24 -7.96 33.42
N ALA D 66 1.33 -6.66 33.64
CA ALA D 66 2.11 -6.15 34.74
C ALA D 66 1.54 -6.61 36.08
N GLU D 67 0.22 -6.59 36.21
CA GLU D 67 -0.43 -6.99 37.44
C GLU D 67 -0.20 -8.45 37.69
N GLN D 69 2.31 -10.10 36.74
CA GLN D 69 3.68 -10.23 37.18
C GLN D 69 3.87 -9.87 38.65
N SER D 70 3.23 -8.80 39.11
CA SER D 70 3.28 -8.45 40.53
C SER D 70 2.82 -9.60 41.39
N LYS D 71 1.71 -10.23 41.02
CA LYS D 71 1.19 -11.33 41.81
C LYS D 71 2.16 -12.50 41.85
N GLN D 72 2.85 -12.77 40.75
CA GLN D 72 3.79 -13.89 40.72
C GLN D 72 5.08 -13.61 41.51
N LEU D 73 5.37 -12.35 41.85
CA LEU D 73 6.54 -12.04 42.67
C LEU D 73 6.26 -12.10 44.18
N VAL D 74 5.01 -12.30 44.60
CA VAL D 74 4.68 -12.28 46.03
C VAL D 74 5.54 -13.24 46.84
N PRO D 75 5.68 -14.52 46.48
CA PRO D 75 6.51 -15.41 47.31
C PRO D 75 7.93 -14.91 47.51
N ALA D 76 8.56 -14.37 46.46
CA ALA D 76 9.93 -13.89 46.61
C ALA D 76 9.98 -12.65 47.49
N ILE D 77 8.97 -11.78 47.40
CA ILE D 77 8.95 -10.61 48.26
C ILE D 77 8.67 -11.01 49.70
N LEU D 78 7.80 -12.02 49.89
CA LEU D 78 7.52 -12.51 51.23
C LEU D 78 8.75 -13.20 51.82
N SER D 79 9.40 -14.05 51.02
CA SER D 79 10.65 -14.67 51.45
C SER D 79 11.71 -13.64 51.82
N ASP D 80 11.86 -12.60 50.98
CA ASP D 80 12.80 -11.54 51.34
C ASP D 80 12.41 -10.85 52.65
N ALA D 81 11.11 -10.60 52.85
CA ALA D 81 10.70 -9.87 54.04
C ALA D 81 10.95 -10.68 55.30
N LEU D 82 10.75 -12.00 55.21
CA LEU D 82 11.00 -12.87 56.35
C LEU D 82 12.49 -12.92 56.66
N SER D 83 13.30 -13.17 55.64
CA SER D 83 14.74 -13.25 55.83
C SER D 83 15.29 -11.96 56.44
N GLU D 84 14.75 -10.81 56.05
CA GLU D 84 15.33 -9.54 56.45
C GLU D 84 14.67 -8.95 57.69
N ASN D 85 13.60 -9.57 58.19
CA ASN D 85 13.00 -9.12 59.44
C ASN D 85 14.00 -9.21 60.59
N LYS D 86 13.96 -8.21 61.48
CA LYS D 86 15.00 -8.07 62.49
C LYS D 86 14.52 -8.27 63.93
N THR D 87 13.30 -8.77 64.13
CA THR D 87 12.80 -9.04 65.48
C THR D 87 12.67 -10.53 65.82
N LEU D 88 12.39 -11.39 64.84
CA LEU D 88 12.13 -12.79 65.11
C LEU D 88 13.43 -13.58 65.11
N ASN D 89 13.54 -14.55 66.02
CA ASN D 89 14.71 -15.40 66.00
C ASN D 89 14.56 -16.49 64.94
N ASP D 90 15.65 -17.23 64.72
CA ASP D 90 15.71 -18.12 63.57
C ASP D 90 14.77 -19.33 63.72
N LYS D 91 14.46 -19.74 64.95
CA LYS D 91 13.46 -20.79 65.12
C LYS D 91 12.07 -20.27 64.82
N GLN D 92 11.77 -19.02 65.19
CA GLN D 92 10.47 -18.45 64.89
C GLN D 92 10.27 -18.26 63.38
N LYS D 93 11.33 -17.88 62.66
CA LYS D 93 11.18 -17.65 61.23
C LYS D 93 10.87 -18.94 60.48
N GLN D 94 11.58 -20.03 60.75
CA GLN D 94 11.27 -21.26 60.04
C GLN D 94 9.89 -21.79 60.43
N ALA D 95 9.50 -21.59 61.70
CA ALA D 95 8.20 -22.06 62.15
C ALA D 95 7.08 -21.21 61.57
N ALA D 96 7.40 -20.02 61.05
CA ALA D 96 6.39 -19.12 60.51
C ALA D 96 6.00 -19.42 59.06
N VAL D 97 6.84 -20.12 58.28
CA VAL D 97 6.53 -20.32 56.86
C VAL D 97 5.21 -21.05 56.65
N PRO D 98 4.87 -22.11 57.40
CA PRO D 98 3.58 -22.78 57.14
C PRO D 98 2.39 -21.84 57.22
N THR D 99 2.36 -20.98 58.26
CA THR D 99 1.25 -20.03 58.40
C THR D 99 1.33 -18.91 57.37
N LEU D 100 2.55 -18.47 57.04
CA LEU D 100 2.71 -17.45 56.01
C LEU D 100 2.29 -17.99 54.64
N GLN D 101 2.70 -19.23 54.34
CA GLN D 101 2.38 -19.83 53.05
C GLN D 101 0.88 -20.00 52.87
N LYS D 102 0.14 -20.22 53.96
CA LYS D 102 -1.29 -20.47 53.87
C LYS D 102 -2.14 -19.20 53.94
N ASN D 103 -1.71 -18.20 54.71
CA ASN D 103 -2.52 -17.02 54.95
C ASN D 103 -1.95 -15.75 54.32
N ALA D 104 -0.65 -15.51 54.48
CA ALA D 104 -0.08 -14.26 53.99
C ALA D 104 -0.04 -14.22 52.47
N VAL D 105 0.35 -15.33 51.84
CA VAL D 105 0.52 -15.34 50.38
C VAL D 105 -0.77 -14.98 49.66
N PRO D 106 -1.91 -15.61 49.96
CA PRO D 106 -3.15 -15.20 49.28
C PRO D 106 -3.53 -13.74 49.54
N LYS D 107 -3.29 -13.22 50.75
CA LYS D 107 -3.62 -11.83 51.02
C LYS D 107 -2.72 -10.88 50.24
N LEU D 108 -1.45 -11.24 50.07
CA LEU D 108 -0.55 -10.39 49.29
C LEU D 108 -0.85 -10.47 47.80
N VAL D 109 -1.31 -11.64 47.32
CA VAL D 109 -1.60 -11.81 45.90
C VAL D 109 -2.83 -11.02 45.50
N ASP D 110 -3.85 -11.01 46.35
CA ASP D 110 -5.06 -10.26 46.07
C ASP D 110 -4.78 -8.75 46.04
N GLY D 111 -3.80 -8.30 46.80
CA GLY D 111 -3.46 -6.89 46.83
C GLY D 111 -2.35 -6.43 45.91
N ALA D 112 -1.76 -7.32 45.11
CA ALA D 112 -0.58 -7.00 44.31
C ALA D 112 -0.94 -6.35 42.98
N GLY D 113 -0.23 -5.29 42.63
CA GLY D 113 -0.38 -4.66 41.33
C GLY D 113 -1.51 -3.66 41.20
N LYS D 114 -1.91 -3.03 42.30
CA LYS D 114 -2.96 -2.02 42.20
C LYS D 114 -2.52 -0.85 41.33
N VAL D 115 -1.23 -0.50 41.38
CA VAL D 115 -0.77 0.69 40.68
C VAL D 115 -1.09 0.59 39.19
N PHE D 116 -1.16 -0.62 38.66
CA PHE D 116 -1.42 -0.83 37.24
C PHE D 116 -2.87 -0.63 36.86
N GLY D 117 -3.80 -0.59 37.80
CA GLY D 117 -5.14 -0.28 37.40
C GLY D 117 -5.48 1.18 37.44
N THR D 118 -4.52 2.03 37.81
CA THR D 118 -4.82 3.43 38.01
C THR D 118 -4.85 4.18 36.68
N GLN D 119 -5.57 5.31 36.70
CA GLN D 119 -5.60 6.19 35.54
C GLN D 119 -4.22 6.79 35.26
N GLN D 120 -3.42 7.04 36.30
CA GLN D 120 -2.08 7.55 36.07
C GLN D 120 -1.25 6.57 35.26
N PHE D 121 -1.37 5.26 35.54
CA PHE D 121 -0.65 4.28 34.73
C PHE D 121 -1.13 4.31 33.29
N THR D 122 -2.46 4.29 33.09
CA THR D 122 -3.02 4.36 31.74
C THR D 122 -2.47 5.54 30.96
N ASN D 123 -2.48 6.73 31.57
CA ASN D 123 -1.93 7.91 30.91
C ASN D 123 -0.46 7.73 30.54
N ASP D 124 0.35 7.26 31.48
CA ASP D 124 1.77 7.10 31.18
C ASP D 124 2.00 6.09 30.08
N ALA D 125 1.19 5.03 30.04
CA ALA D 125 1.34 4.02 29.01
C ALA D 125 1.01 4.61 27.64
N GLN D 127 1.38 7.87 26.83
CA GLN D 127 2.55 8.69 26.49
C GLN D 127 3.72 7.82 26.07
N ALA D 128 3.89 6.64 26.69
CA ALA D 128 4.98 5.77 26.28
C ALA D 128 4.82 5.31 24.83
N GLN D 129 3.58 5.11 24.37
CA GLN D 129 3.34 4.72 22.99
C GLN D 129 3.66 5.86 22.02
N TYR D 130 3.26 7.08 22.34
CA TYR D 130 3.68 8.24 21.55
C TYR D 130 5.19 8.33 21.44
N ASP D 131 5.89 8.25 22.57
CA ASP D 131 7.35 8.41 22.57
C ASP D 131 8.02 7.31 21.77
N ALA D 132 7.56 6.07 21.93
CA ALA D 132 8.17 4.98 21.18
C ALA D 132 7.96 5.13 19.67
N TYR D 133 6.73 5.50 19.24
CA TYR D 133 6.47 5.65 17.81
C TYR D 133 7.20 6.84 17.23
N ALA D 134 7.23 7.97 17.96
CA ALA D 134 7.93 9.14 17.44
C ALA D 134 9.43 8.88 17.32
N LYS D 135 9.99 8.07 18.22
CA LYS D 135 11.42 7.81 18.25
C LYS D 135 11.88 6.94 17.07
N TYR D 136 11.10 5.92 16.70
CA TYR D 136 11.61 4.97 15.72
C TYR D 136 11.06 5.18 14.31
N TYR D 137 10.02 6.00 14.16
CA TYR D 137 9.40 6.17 12.87
C TYR D 137 9.37 7.64 12.50
N SER D 138 9.59 7.92 11.21
CA SER D 138 9.39 9.26 10.73
C SER D 138 7.89 9.50 10.56
N THR D 139 7.51 10.78 10.46
CA THR D 139 6.14 11.17 10.20
C THR D 139 5.60 10.51 8.94
N SER D 140 6.42 10.41 7.91
CA SER D 140 5.97 9.80 6.66
C SER D 140 5.68 8.31 6.85
N GLU D 141 6.47 7.63 7.67
CA GLU D 141 6.22 6.22 7.95
C GLU D 141 4.98 6.03 8.82
N ILE D 142 4.77 6.95 9.77
CA ILE D 142 3.58 6.89 10.62
C ILE D 142 2.32 6.97 9.76
N LYS D 143 2.33 7.86 8.76
CA LYS D 143 1.18 7.97 7.86
C LYS D 143 1.04 6.72 7.01
N ASP D 144 2.15 6.19 6.49
CA ASP D 144 2.05 4.94 5.74
C ASP D 144 1.43 3.84 6.60
N LEU D 145 1.92 3.69 7.84
CA LEU D 145 1.40 2.66 8.72
C LEU D 145 -0.09 2.83 8.95
N THR D 146 -0.54 4.07 9.19
CA THR D 146 -1.95 4.29 9.41
C THR D 146 -2.77 3.81 8.22
N THR D 147 -2.32 4.15 7.01
CA THR D 147 -3.00 3.68 5.81
C THR D 147 -3.11 2.15 5.78
N PHE D 148 -2.02 1.46 6.10
CA PHE D 148 -2.09 -0.01 6.14
C PHE D 148 -3.07 -0.50 7.21
N TYR D 149 -3.01 0.07 8.41
CA TYR D 149 -3.85 -0.44 9.50
C TYR D 149 -5.33 -0.18 9.26
N LYS D 150 -5.65 0.86 8.49
CA LYS D 150 -7.03 1.20 8.15
C LYS D 150 -7.55 0.45 6.94
N SER D 151 -6.71 -0.25 6.23
CA SER D 151 -7.12 -1.02 5.07
C SER D 151 -7.84 -2.29 5.52
N PRO D 152 -8.60 -2.93 4.63
CA PRO D 152 -9.29 -4.18 5.03
C PRO D 152 -8.34 -5.25 5.55
N THR D 153 -7.18 -5.41 4.92
CA THR D 153 -6.22 -6.40 5.40
C THR D 153 -5.55 -5.93 6.68
N GLY D 154 -5.32 -4.62 6.85
CA GLY D 154 -4.81 -4.12 8.12
C GLY D 154 -5.71 -4.42 9.29
N ARG D 155 -7.01 -4.16 9.15
CA ARG D 155 -7.94 -4.41 10.26
C ARG D 155 -7.98 -5.90 10.59
N LYS D 156 -7.94 -6.76 9.56
CA LYS D 156 -7.84 -8.20 9.80
C LYS D 156 -6.54 -8.53 10.54
N PHE D 157 -5.42 -7.96 10.11
CA PHE D 157 -4.13 -8.17 10.78
C PHE D 157 -4.19 -7.79 12.25
N ILE D 158 -4.80 -6.64 12.57
CA ILE D 158 -4.96 -6.30 13.98
C ILE D 158 -5.72 -7.39 14.72
N GLN D 159 -6.68 -8.05 14.06
CA GLN D 159 -7.54 -9.00 14.76
C GLN D 159 -6.90 -10.37 14.93
N VAL D 160 -6.15 -10.86 13.93
CA VAL D 160 -5.72 -12.25 13.94
C VAL D 160 -4.21 -12.44 14.06
N GLN D 161 -3.39 -11.42 13.81
CA GLN D 161 -1.96 -11.66 13.70
C GLN D 161 -1.38 -12.26 14.98
N ASP D 162 -1.87 -11.83 16.16
CA ASP D 162 -1.43 -12.47 17.41
C ASP D 162 -1.80 -13.95 17.47
N GLN D 163 -3.00 -14.29 16.99
CA GLN D 163 -3.41 -15.70 16.93
C GLN D 163 -2.50 -16.50 16.03
N VAL D 164 -2.02 -15.89 14.93
CA VAL D 164 -1.08 -16.58 14.04
C VAL D 164 0.20 -16.93 14.79
N GLY D 165 0.78 -15.94 15.48
CA GLY D 165 2.00 -16.20 16.24
C GLY D 165 1.80 -17.25 17.33
N ARG D 166 0.68 -17.16 18.04
CA ARG D 166 0.42 -18.11 19.13
C ARG D 166 0.26 -19.53 18.61
N ASP D 167 -0.50 -19.72 17.51
CA ASP D 167 -0.60 -21.06 16.93
C ASP D 167 0.76 -21.62 16.57
N VAL D 168 1.65 -20.79 16.04
CA VAL D 168 2.99 -21.29 15.71
C VAL D 168 3.69 -21.76 16.97
N VAL D 169 3.83 -20.87 17.97
CA VAL D 169 4.62 -21.18 19.16
C VAL D 169 3.97 -22.26 20.01
N ASN D 170 2.67 -22.12 20.29
CA ASN D 170 2.01 -23.09 21.16
C ASN D 170 1.95 -24.47 20.52
N GLY D 171 1.75 -24.53 19.19
CA GLY D 171 1.72 -25.82 18.51
C GLY D 171 3.06 -26.54 18.57
N LEU D 172 4.14 -25.80 18.33
CA LEU D 172 5.47 -26.39 18.44
C LEU D 172 5.76 -26.80 19.85
N GLN D 174 3.54 -27.67 22.16
CA GLN D 174 2.81 -28.90 22.44
C GLN D 174 3.47 -30.13 21.81
N LYS D 175 4.07 -29.99 20.62
CA LYS D 175 4.63 -31.19 20.01
C LYS D 175 6.01 -31.56 20.54
N TYR D 176 6.80 -30.59 21.01
CA TYR D 176 8.20 -30.82 21.36
C TYR D 176 8.53 -30.66 22.84
N PRO D 178 7.06 -31.80 25.57
CA PRO D 178 7.06 -33.08 26.32
C PRO D 178 8.32 -33.91 26.11
N GLN D 179 8.79 -34.04 24.86
CA GLN D 179 9.97 -34.88 24.63
C GLN D 179 11.26 -34.22 25.14
N ALA D 180 11.37 -32.89 25.07
CA ALA D 180 12.54 -32.25 25.67
C ALA D 180 12.55 -32.45 27.18
N ILE D 181 11.39 -32.33 27.82
CA ILE D 181 11.32 -32.57 29.26
C ILE D 181 11.68 -34.02 29.55
N LYS D 182 11.07 -34.95 28.80
CA LYS D 182 11.33 -36.37 29.02
C LYS D 182 12.82 -36.72 28.84
N ALA D 183 13.49 -36.12 27.85
CA ALA D 183 14.91 -36.40 27.66
C ALA D 183 15.71 -35.99 28.89
N THR D 184 15.44 -34.80 29.40
CA THR D 184 16.12 -34.35 30.61
C THR D 184 15.76 -35.25 31.79
N ARG D 185 14.48 -35.61 31.91
CA ARG D 185 14.07 -36.45 33.05
C ARG D 185 14.74 -37.82 33.00
N ASP D 186 14.91 -38.40 31.82
CA ASP D 186 15.50 -39.74 31.76
C ASP D 186 16.98 -39.71 32.15
N GLN D 187 17.70 -38.66 31.73
CA GLN D 187 19.08 -38.49 32.16
C GLN D 187 19.15 -38.23 33.66
N ALA D 188 18.22 -37.41 34.18
CA ALA D 188 18.18 -37.11 35.59
C ALA D 188 18.00 -38.38 36.43
N ASP D 189 17.19 -39.32 35.94
CA ASP D 189 17.01 -40.58 36.66
C ASP D 189 18.34 -41.33 36.79
N LYS D 190 19.14 -41.31 35.75
CA LYS D 190 20.43 -41.99 35.78
C LYS D 190 21.42 -41.31 36.71
N GLU D 191 21.33 -39.98 36.84
CA GLU D 191 22.24 -39.28 37.73
C GLU D 191 21.91 -39.58 39.18
N VAL D 192 20.61 -39.63 39.52
CA VAL D 192 20.22 -39.97 40.89
C VAL D 192 20.55 -41.44 41.18
N ALA D 193 20.28 -42.33 40.22
CA ALA D 193 20.59 -43.73 40.46
C ALA D 193 22.08 -43.95 40.67
N ALA D 194 22.89 -42.98 40.25
CA ALA D 194 24.35 -43.07 40.31
C ALA D 194 24.96 -42.73 41.66
N VAL D 195 24.26 -42.03 42.55
CA VAL D 195 24.82 -41.65 43.86
C VAL D 195 25.05 -42.83 44.82
N LYS D 196 25.81 -42.53 45.87
CA LYS D 196 26.21 -43.48 46.91
C LYS D 196 25.97 -42.93 48.30
#